data_3S0N
#
_entry.id   3S0N
#
_cell.length_a   73.830
_cell.length_b   73.830
_cell.length_c   48.450
_cell.angle_alpha   90.000
_cell.angle_beta   90.000
_cell.angle_gamma   90.000
#
_symmetry.space_group_name_H-M   'P 43'
#
loop_
_entity.id
_entity.type
_entity.pdbx_description
1 polymer Chymase
2 non-polymer 2-acetamido-2-deoxy-beta-D-glucopyranose
3 non-polymer 'ZINC ION'
4 non-polymer '4-{3-[(4-methyl-1-benzothiophen-3-yl)methyl]-2-oxo-2,3-dihydro-1H-benzimidazol-1-yl}butanoic acid'
5 water water
#
_entity_poly.entity_id   1
_entity_poly.type   'polypeptide(L)'
_entity_poly.pdbx_seq_one_letter_code
;IIGGTECKPHSRPYMAYLEIVTSNGPSKFCGGFLIRRNFVLTAAHCAGRSITVTLGAHNITEEEDTWQKLEVIKQFRHPK
YNTSTLHHDIMLLKLKEKASLTLAVGTLPFPSQKNFVPPGRMCRVAGWGRTGVLKPGSDTLQEVKLRLMDPQACSHFRDF
DHNLQLCVGNPRKTKSAFKGDSGGPLLCAGAAQGIVSYGRSDAKPPAVFTRISHYQPWINQILQAN
;
_entity_poly.pdbx_strand_id   A
#
# COMPACT_ATOMS: atom_id res chain seq x y z
N ILE A 1 -6.99 4.84 7.33
CA ILE A 1 -7.59 5.85 6.43
C ILE A 1 -8.37 6.89 7.23
N ILE A 2 -8.10 8.17 6.97
CA ILE A 2 -8.79 9.24 7.67
C ILE A 2 -9.83 9.89 6.76
N GLY A 3 -11.03 10.09 7.30
CA GLY A 3 -12.10 10.72 6.55
C GLY A 3 -12.61 9.92 5.37
N GLY A 4 -12.50 8.60 5.46
CA GLY A 4 -12.96 7.75 4.37
C GLY A 4 -14.30 7.11 4.65
N THR A 5 -14.64 6.11 3.85
CA THR A 5 -15.91 5.40 4.01
C THR A 5 -15.64 3.90 3.89
N GLU A 6 -16.38 3.09 4.64
CA GLU A 6 -16.19 1.66 4.59
C GLU A 6 -16.41 1.14 3.18
N CYS A 7 -15.51 0.27 2.72
CA CYS A 7 -15.65 -0.30 1.38
C CYS A 7 -16.76 -1.32 1.36
N LYS A 8 -17.30 -1.56 0.16
CA LYS A 8 -18.32 -2.58 -0.01
C LYS A 8 -17.49 -3.84 0.17
N PRO A 9 -17.89 -4.74 1.09
CA PRO A 9 -17.12 -5.97 1.31
C PRO A 9 -16.56 -6.64 0.07
N HIS A 10 -15.25 -6.85 0.06
CA HIS A 10 -14.54 -7.52 -1.03
C HIS A 10 -14.57 -6.82 -2.40
N SER A 11 -14.89 -5.53 -2.42
CA SER A 11 -14.94 -4.79 -3.69
C SER A 11 -13.54 -4.47 -4.22
N ARG A 12 -12.52 -4.75 -3.41
CA ARG A 12 -11.13 -4.52 -3.80
C ARG A 12 -10.40 -5.80 -3.44
N PRO A 13 -10.64 -6.86 -4.21
CA PRO A 13 -10.10 -8.22 -4.09
C PRO A 13 -8.59 -8.39 -4.07
N TYR A 14 -7.86 -7.38 -4.53
CA TYR A 14 -6.41 -7.43 -4.56
C TYR A 14 -5.76 -6.92 -3.26
N MET A 15 -6.57 -6.31 -2.38
CA MET A 15 -6.05 -5.78 -1.12
C MET A 15 -5.49 -6.85 -0.20
N ALA A 16 -4.32 -6.58 0.37
CA ALA A 16 -3.68 -7.53 1.27
C ALA A 16 -3.47 -6.91 2.64
N TYR A 17 -3.78 -7.68 3.67
CA TYR A 17 -3.62 -7.24 5.06
C TYR A 17 -2.36 -7.95 5.57
N LEU A 18 -1.34 -7.19 5.93
CA LEU A 18 -0.09 -7.78 6.40
C LEU A 18 0.11 -7.65 7.90
N GLU A 19 0.59 -8.72 8.51
CA GLU A 19 0.90 -8.75 9.92
C GLU A 19 2.39 -9.04 9.94
N ILE A 20 3.17 -8.07 10.40
CA ILE A 20 4.62 -8.21 10.43
C ILE A 20 5.17 -8.49 11.80
N VAL A 21 5.97 -9.55 11.90
CA VAL A 21 6.57 -9.96 13.16
C VAL A 21 8.02 -9.53 13.28
N THR A 22 8.39 -9.11 14.49
CA THR A 22 9.76 -8.69 14.78
C THR A 22 10.24 -9.39 16.04
N SER A 23 11.55 -9.45 16.22
CA SER A 23 12.13 -10.11 17.38
C SER A 23 11.80 -9.47 18.72
N ASN A 24 12.02 -8.17 18.84
CA ASN A 24 11.77 -7.47 20.09
C ASN A 24 10.59 -6.50 20.11
N GLY A 25 9.43 -6.95 19.64
CA GLY A 25 8.27 -6.09 19.65
C GLY A 25 7.02 -6.82 19.21
N PRO A 26 5.83 -6.28 19.52
CA PRO A 26 4.57 -6.90 19.15
C PRO A 26 4.47 -6.84 17.63
N SER A 27 3.56 -7.60 17.04
CA SER A 27 3.43 -7.56 15.59
C SER A 27 2.92 -6.20 15.14
N LYS A 28 3.26 -5.82 13.92
CA LYS A 28 2.82 -4.56 13.33
C LYS A 28 1.92 -4.91 12.16
N PHE A 29 1.23 -3.92 11.61
CA PHE A 29 0.32 -4.19 10.50
C PHE A 29 0.43 -3.17 9.37
N CYS A 30 0.28 -3.65 8.14
CA CYS A 30 0.35 -2.80 6.97
C CYS A 30 -0.56 -3.32 5.88
N GLY A 31 -0.65 -2.55 4.80
CA GLY A 31 -1.45 -2.94 3.67
C GLY A 31 -0.52 -3.43 2.57
N GLY A 32 -1.11 -3.79 1.44
CA GLY A 32 -0.34 -4.27 0.30
C GLY A 32 -1.34 -4.69 -0.75
N PHE A 33 -0.86 -5.11 -1.91
CA PHE A 33 -1.77 -5.56 -2.95
C PHE A 33 -1.18 -6.67 -3.82
N LEU A 34 -2.03 -7.63 -4.14
CA LEU A 34 -1.67 -8.79 -4.94
C LEU A 34 -1.50 -8.42 -6.42
N ILE A 35 -0.31 -8.62 -6.97
CA ILE A 35 -0.09 -8.30 -8.38
C ILE A 35 0.12 -9.55 -9.22
N ARG A 36 0.43 -10.65 -8.56
CA ARG A 36 0.60 -11.96 -9.17
C ARG A 36 0.05 -12.92 -8.11
N ARG A 37 -0.42 -14.10 -8.51
CA ARG A 37 -0.98 -15.01 -7.52
C ARG A 37 -0.03 -15.33 -6.37
N ASN A 38 1.27 -15.17 -6.60
CA ASN A 38 2.25 -15.44 -5.53
C ASN A 38 3.16 -14.24 -5.22
N PHE A 39 2.68 -13.04 -5.53
CA PHE A 39 3.46 -11.84 -5.23
C PHE A 39 2.61 -10.67 -4.76
N VAL A 40 3.00 -10.11 -3.63
CA VAL A 40 2.31 -8.96 -3.05
C VAL A 40 3.27 -7.78 -3.01
N LEU A 41 2.80 -6.63 -3.48
CA LEU A 41 3.62 -5.43 -3.47
C LEU A 41 3.24 -4.62 -2.22
N THR A 42 4.23 -4.05 -1.55
CA THR A 42 3.99 -3.26 -0.33
C THR A 42 5.17 -2.31 -0.12
N ALA A 43 5.20 -1.63 1.02
CA ALA A 43 6.28 -0.69 1.31
C ALA A 43 7.46 -1.39 2.00
N ALA A 44 8.67 -1.00 1.65
CA ALA A 44 9.86 -1.59 2.24
C ALA A 44 9.95 -1.42 3.75
N HIS A 45 9.42 -0.32 4.29
CA HIS A 45 9.52 -0.12 5.72
C HIS A 45 8.63 -1.09 6.50
N CYS A 46 7.84 -1.88 5.77
CA CYS A 46 6.98 -2.86 6.43
C CYS A 46 7.70 -4.19 6.60
N ALA A 47 8.97 -4.25 6.19
CA ALA A 47 9.76 -5.47 6.31
C ALA A 47 9.92 -5.89 7.76
N GLY A 48 10.13 -7.18 7.98
CA GLY A 48 10.31 -7.68 9.33
C GLY A 48 10.98 -9.04 9.32
N ARG A 49 10.93 -9.74 10.46
CA ARG A 49 11.52 -11.07 10.55
C ARG A 49 10.70 -12.04 9.70
N SER A 50 9.37 -11.95 9.83
CA SER A 50 8.47 -12.80 9.05
C SER A 50 7.18 -12.04 8.82
N ILE A 51 6.45 -12.40 7.78
CA ILE A 51 5.20 -11.73 7.45
C ILE A 51 4.11 -12.70 7.02
N THR A 52 2.88 -12.43 7.44
CA THR A 52 1.75 -13.28 7.06
C THR A 52 0.80 -12.38 6.28
N VAL A 53 0.33 -12.87 5.14
CA VAL A 53 -0.57 -12.09 4.30
C VAL A 53 -1.98 -12.66 4.36
N THR A 54 -2.96 -11.79 4.61
CA THR A 54 -4.35 -12.23 4.64
C THR A 54 -5.07 -11.60 3.47
N LEU A 55 -5.46 -12.44 2.51
CA LEU A 55 -6.20 -11.97 1.34
C LEU A 55 -7.69 -12.26 1.56
N GLY A 56 -8.54 -11.55 0.82
CA GLY A 56 -9.98 -11.76 0.93
C GLY A 56 -10.65 -11.28 2.20
N ALA A 57 -10.03 -10.34 2.90
CA ALA A 57 -10.61 -9.85 4.14
C ALA A 57 -11.33 -8.51 3.98
N HIS A 58 -12.22 -8.23 4.91
CA HIS A 58 -12.93 -6.95 4.96
C HIS A 58 -12.86 -6.54 6.42
N ASN A 59 -13.56 -7.28 7.28
CA ASN A 59 -13.51 -7.04 8.72
C ASN A 59 -12.48 -8.05 9.19
N ILE A 60 -11.25 -7.59 9.41
CA ILE A 60 -10.18 -8.50 9.82
C ILE A 60 -10.28 -9.10 11.21
N THR A 61 -11.30 -8.74 11.97
CA THR A 61 -11.48 -9.30 13.30
C THR A 61 -12.32 -10.56 13.24
N GLU A 62 -13.06 -10.74 12.15
CA GLU A 62 -13.90 -11.92 12.00
C GLU A 62 -13.52 -12.78 10.80
N GLU A 63 -12.93 -13.94 11.09
CA GLU A 63 -12.51 -14.87 10.05
C GLU A 63 -13.72 -15.34 9.24
N GLU A 64 -13.50 -15.58 7.95
CA GLU A 64 -14.56 -16.04 7.06
C GLU A 64 -13.97 -16.90 5.95
N ASP A 65 -14.82 -17.58 5.19
CA ASP A 65 -14.34 -18.45 4.11
C ASP A 65 -13.54 -17.73 3.03
N THR A 66 -13.81 -16.45 2.81
CA THR A 66 -13.09 -15.71 1.77
C THR A 66 -11.61 -15.54 2.15
N TRP A 67 -11.31 -15.61 3.43
CA TRP A 67 -9.95 -15.45 3.91
C TRP A 67 -8.95 -16.46 3.35
N GLN A 68 -7.75 -15.98 3.07
CA GLN A 68 -6.65 -16.82 2.63
C GLN A 68 -5.45 -16.28 3.40
N LYS A 69 -5.10 -16.94 4.49
CA LYS A 69 -3.95 -16.55 5.30
C LYS A 69 -2.79 -17.24 4.61
N LEU A 70 -1.90 -16.45 4.02
CA LEU A 70 -0.80 -17.02 3.27
C LEU A 70 0.60 -16.71 3.79
N GLU A 71 1.42 -17.75 3.78
CA GLU A 71 2.81 -17.67 4.21
C GLU A 71 3.66 -16.96 3.17
N VAL A 72 4.57 -16.11 3.66
CA VAL A 72 5.50 -15.38 2.79
C VAL A 72 6.82 -16.14 2.87
N ILE A 73 7.32 -16.61 1.73
CA ILE A 73 8.57 -17.36 1.73
C ILE A 73 9.79 -16.45 1.71
N LYS A 74 9.70 -15.32 1.03
CA LYS A 74 10.84 -14.43 0.94
C LYS A 74 10.43 -12.96 0.74
N GLN A 75 11.17 -12.06 1.36
CA GLN A 75 10.90 -10.62 1.25
C GLN A 75 11.95 -9.97 0.36
N PHE A 76 11.50 -9.29 -0.70
CA PHE A 76 12.41 -8.60 -1.62
C PHE A 76 12.30 -7.10 -1.42
N ARG A 77 13.06 -6.59 -0.45
CA ARG A 77 13.07 -5.17 -0.16
C ARG A 77 13.95 -4.50 -1.22
N HIS A 78 13.53 -3.34 -1.73
CA HIS A 78 14.33 -2.68 -2.74
C HIS A 78 15.73 -2.45 -2.21
N PRO A 79 16.76 -2.81 -3.00
CA PRO A 79 18.17 -2.66 -2.63
C PRO A 79 18.56 -1.27 -2.17
N LYS A 80 17.97 -0.25 -2.80
CA LYS A 80 18.29 1.14 -2.47
C LYS A 80 17.41 1.77 -1.39
N TYR A 81 16.51 0.98 -0.80
CA TYR A 81 15.67 1.51 0.25
C TYR A 81 16.56 2.14 1.32
N ASN A 82 16.19 3.33 1.76
CA ASN A 82 16.97 4.06 2.76
C ASN A 82 16.07 4.49 3.92
N THR A 83 16.42 4.08 5.12
CA THR A 83 15.63 4.41 6.30
C THR A 83 15.69 5.88 6.73
N SER A 84 16.69 6.62 6.28
CA SER A 84 16.79 8.02 6.67
C SER A 84 16.02 8.94 5.71
N THR A 85 16.06 8.63 4.43
CA THR A 85 15.37 9.44 3.43
C THR A 85 14.01 8.83 3.06
N LEU A 86 13.89 7.52 3.26
CA LEU A 86 12.67 6.78 2.93
C LEU A 86 12.46 6.66 1.42
N HIS A 87 13.51 6.95 0.66
CA HIS A 87 13.43 6.81 -0.79
C HIS A 87 13.36 5.31 -1.08
N HIS A 88 12.76 4.95 -2.21
CA HIS A 88 12.67 3.56 -2.62
C HIS A 88 11.99 2.71 -1.55
N ASP A 89 10.89 3.21 -1.02
CA ASP A 89 10.15 2.51 0.02
C ASP A 89 9.22 1.51 -0.67
N ILE A 90 9.80 0.49 -1.27
CA ILE A 90 8.99 -0.51 -1.97
C ILE A 90 9.56 -1.90 -1.71
N MET A 91 8.67 -2.88 -1.65
CA MET A 91 9.07 -4.25 -1.40
C MET A 91 8.10 -5.26 -2.01
N LEU A 92 8.64 -6.36 -2.53
CA LEU A 92 7.83 -7.43 -3.10
C LEU A 92 7.87 -8.63 -2.16
N LEU A 93 6.72 -9.22 -1.91
CA LEU A 93 6.62 -10.39 -1.05
C LEU A 93 6.25 -11.60 -1.87
N LYS A 94 7.10 -12.62 -1.85
CA LYS A 94 6.80 -13.83 -2.59
C LYS A 94 6.05 -14.78 -1.66
N LEU A 95 4.86 -15.21 -2.09
CA LEU A 95 4.06 -16.13 -1.28
C LEU A 95 4.54 -17.56 -1.52
N LYS A 96 4.52 -18.36 -0.44
CA LYS A 96 4.95 -19.75 -0.52
C LYS A 96 4.16 -20.48 -1.60
N GLU A 97 2.87 -20.21 -1.67
CA GLU A 97 2.02 -20.82 -2.67
C GLU A 97 1.23 -19.76 -3.43
N LYS A 98 0.69 -20.15 -4.58
CA LYS A 98 -0.08 -19.20 -5.36
C LYS A 98 -1.47 -19.14 -4.77
N ALA A 99 -1.97 -17.92 -4.57
CA ALA A 99 -3.28 -17.73 -4.00
C ALA A 99 -4.37 -18.28 -4.91
N SER A 100 -5.53 -18.57 -4.32
CA SER A 100 -6.65 -19.06 -5.10
C SER A 100 -7.41 -17.84 -5.60
N LEU A 101 -7.93 -17.94 -6.82
CA LEU A 101 -8.70 -16.85 -7.40
C LEU A 101 -10.15 -17.10 -7.05
N THR A 102 -10.76 -16.13 -6.38
CA THR A 102 -12.15 -16.23 -5.97
C THR A 102 -12.76 -14.86 -6.22
N LEU A 103 -14.05 -14.73 -5.95
CA LEU A 103 -14.71 -13.44 -6.14
C LEU A 103 -14.11 -12.41 -5.19
N ALA A 104 -13.59 -12.87 -4.06
CA ALA A 104 -13.01 -11.97 -3.06
C ALA A 104 -11.51 -11.79 -3.18
N VAL A 105 -10.86 -12.63 -3.99
CA VAL A 105 -9.42 -12.53 -4.16
C VAL A 105 -8.99 -12.60 -5.61
N GLY A 106 -8.31 -11.55 -6.07
CA GLY A 106 -7.83 -11.49 -7.43
C GLY A 106 -6.66 -10.53 -7.51
N THR A 107 -5.89 -10.61 -8.58
CA THR A 107 -4.74 -9.75 -8.75
C THR A 107 -5.13 -8.41 -9.35
N LEU A 108 -4.34 -7.38 -9.07
CA LEU A 108 -4.59 -6.07 -9.63
C LEU A 108 -3.80 -6.05 -10.93
N PRO A 109 -4.48 -5.87 -12.07
CA PRO A 109 -3.79 -5.84 -13.36
C PRO A 109 -2.60 -4.88 -13.32
N PHE A 110 -1.41 -5.45 -13.45
CA PHE A 110 -0.18 -4.67 -13.41
C PHE A 110 0.96 -5.40 -14.13
N PRO A 111 1.65 -4.70 -15.04
CA PRO A 111 1.42 -3.30 -15.39
C PRO A 111 0.12 -3.12 -16.17
N SER A 112 -0.30 -1.87 -16.30
CA SER A 112 -1.52 -1.54 -17.03
C SER A 112 -1.30 -0.24 -17.79
N GLN A 113 -1.93 -0.12 -18.96
CA GLN A 113 -1.79 1.09 -19.77
C GLN A 113 -0.32 1.35 -20.10
N LYS A 114 0.07 2.62 -20.12
CA LYS A 114 1.45 3.00 -20.41
C LYS A 114 1.66 4.50 -20.18
N ASN A 115 2.11 4.85 -18.98
CA ASN A 115 2.34 6.26 -18.66
C ASN A 115 3.50 6.46 -17.68
N PHE A 116 4.29 7.50 -17.93
CA PHE A 116 5.42 7.85 -17.07
C PHE A 116 4.88 8.81 -16.02
N VAL A 117 3.65 9.25 -16.25
CA VAL A 117 2.96 10.17 -15.35
C VAL A 117 1.52 9.71 -15.13
N PRO A 118 1.08 9.68 -13.86
CA PRO A 118 -0.27 9.26 -13.48
C PRO A 118 -1.37 10.29 -13.79
N PRO A 119 -2.17 10.04 -14.85
CA PRO A 119 -3.25 10.92 -15.26
C PRO A 119 -4.33 11.05 -14.19
N GLY A 120 -5.11 12.14 -14.25
CA GLY A 120 -6.17 12.35 -13.30
C GLY A 120 -5.71 12.94 -11.98
N ARG A 121 -6.44 13.94 -11.50
CA ARG A 121 -6.13 14.60 -10.24
C ARG A 121 -6.74 13.85 -9.05
N MET A 122 -7.84 13.15 -9.26
CA MET A 122 -8.49 12.42 -8.18
C MET A 122 -8.24 10.92 -8.25
N CYS A 123 -7.67 10.39 -7.17
CA CYS A 123 -7.37 8.97 -7.09
C CYS A 123 -8.01 8.42 -5.81
N ARG A 124 -7.81 7.13 -5.56
CA ARG A 124 -8.39 6.52 -4.38
C ARG A 124 -7.42 5.54 -3.73
N VAL A 125 -7.43 5.50 -2.40
CA VAL A 125 -6.57 4.62 -1.63
C VAL A 125 -7.37 3.93 -0.53
N ALA A 126 -7.06 2.67 -0.27
CA ALA A 126 -7.77 1.90 0.75
C ALA A 126 -6.81 1.24 1.74
N GLY A 127 -7.32 0.94 2.93
CA GLY A 127 -6.50 0.30 3.94
C GLY A 127 -7.24 0.06 5.25
N TRP A 128 -6.56 -0.61 6.18
CA TRP A 128 -7.12 -0.92 7.49
C TRP A 128 -6.43 -0.05 8.55
N GLY A 129 -5.77 1.01 8.09
CA GLY A 129 -5.04 1.88 9.01
C GLY A 129 -5.89 2.67 9.98
N ARG A 130 -5.22 3.43 10.85
CA ARG A 130 -5.87 4.27 11.84
C ARG A 130 -6.74 5.31 11.14
N THR A 131 -7.86 5.64 11.77
CA THR A 131 -8.80 6.60 11.21
C THR A 131 -8.65 7.98 11.87
N GLY A 132 -7.57 8.15 12.61
CA GLY A 132 -7.30 9.40 13.30
C GLY A 132 -6.01 9.29 14.08
N VAL A 133 -5.48 10.42 14.53
CA VAL A 133 -4.23 10.42 15.27
C VAL A 133 -4.27 9.57 16.54
N LEU A 134 -5.34 9.67 17.31
CA LEU A 134 -5.45 8.89 18.53
C LEU A 134 -6.43 7.74 18.35
N LYS A 135 -6.71 7.41 17.10
CA LYS A 135 -7.64 6.33 16.77
C LYS A 135 -6.90 5.06 16.38
N PRO A 136 -7.46 3.89 16.75
CA PRO A 136 -6.82 2.62 16.42
C PRO A 136 -7.08 2.22 14.96
N GLY A 137 -6.40 1.18 14.50
CA GLY A 137 -6.58 0.72 13.14
C GLY A 137 -8.01 0.27 12.93
N SER A 138 -8.55 0.54 11.75
CA SER A 138 -9.93 0.18 11.43
C SER A 138 -10.12 -1.34 11.30
N ASP A 139 -11.23 -1.85 11.82
CA ASP A 139 -11.50 -3.29 11.72
C ASP A 139 -11.87 -3.64 10.29
N THR A 140 -12.49 -2.68 9.59
CA THR A 140 -12.92 -2.90 8.22
C THR A 140 -12.13 -2.09 7.21
N LEU A 141 -12.08 -2.59 5.98
CA LEU A 141 -11.37 -1.93 4.90
C LEU A 141 -12.05 -0.60 4.58
N GLN A 142 -11.29 0.48 4.66
CA GLN A 142 -11.80 1.82 4.38
C GLN A 142 -11.15 2.35 3.11
N GLU A 143 -11.84 3.26 2.42
CA GLU A 143 -11.30 3.84 1.20
C GLU A 143 -11.63 5.33 1.17
N VAL A 144 -10.78 6.11 0.52
CA VAL A 144 -11.00 7.55 0.43
C VAL A 144 -10.51 8.08 -0.91
N LYS A 145 -11.16 9.13 -1.40
CA LYS A 145 -10.78 9.75 -2.67
C LYS A 145 -9.85 10.90 -2.33
N LEU A 146 -8.69 10.95 -2.96
CA LEU A 146 -7.70 11.99 -2.69
C LEU A 146 -7.23 12.71 -3.95
N ARG A 147 -6.77 13.94 -3.78
CA ARG A 147 -6.28 14.74 -4.89
C ARG A 147 -4.77 14.62 -5.06
N LEU A 148 -4.34 14.30 -6.26
CA LEU A 148 -2.91 14.18 -6.57
C LEU A 148 -2.43 15.63 -6.65
N MET A 149 -1.41 15.97 -5.85
CA MET A 149 -0.91 17.34 -5.83
C MET A 149 0.39 17.58 -6.60
N ASP A 150 0.63 18.84 -6.92
CA ASP A 150 1.88 19.22 -7.59
C ASP A 150 2.93 18.97 -6.53
N PRO A 151 4.15 18.62 -6.93
CA PRO A 151 5.23 18.36 -5.98
C PRO A 151 5.46 19.44 -4.92
N GLN A 152 5.23 20.70 -5.27
CA GLN A 152 5.43 21.79 -4.30
C GLN A 152 4.70 21.57 -2.99
N ALA A 153 3.53 20.93 -3.07
CA ALA A 153 2.71 20.68 -1.89
C ALA A 153 3.40 19.78 -0.85
N CYS A 154 4.41 19.04 -1.28
CA CYS A 154 5.15 18.15 -0.39
C CYS A 154 6.58 18.63 -0.13
N SER A 155 6.83 19.91 -0.40
CA SER A 155 8.16 20.47 -0.20
C SER A 155 8.63 20.34 1.24
N HIS A 156 7.70 20.49 2.20
CA HIS A 156 8.06 20.41 3.60
C HIS A 156 8.69 19.06 3.99
N PHE A 157 8.44 18.02 3.20
CA PHE A 157 9.07 16.73 3.46
C PHE A 157 10.39 16.93 2.70
N ARG A 158 11.42 17.34 3.45
CA ARG A 158 12.72 17.65 2.85
C ARG A 158 13.34 16.61 1.92
N ASP A 159 13.02 15.34 2.11
CA ASP A 159 13.57 14.29 1.27
C ASP A 159 12.62 13.83 0.16
N PHE A 160 11.51 14.53 -0.01
CA PHE A 160 10.55 14.19 -1.05
C PHE A 160 11.22 14.44 -2.41
N ASP A 161 11.02 13.53 -3.36
CA ASP A 161 11.60 13.65 -4.69
C ASP A 161 10.52 13.38 -5.74
N HIS A 162 10.20 14.41 -6.52
CA HIS A 162 9.16 14.32 -7.54
C HIS A 162 9.34 13.15 -8.52
N ASN A 163 10.57 12.74 -8.77
CA ASN A 163 10.83 11.62 -9.68
C ASN A 163 10.50 10.27 -9.05
N LEU A 164 10.73 10.17 -7.75
CA LEU A 164 10.51 8.93 -7.02
C LEU A 164 9.19 8.81 -6.28
N GLN A 165 8.51 9.94 -6.05
CA GLN A 165 7.28 9.90 -5.27
C GLN A 165 6.14 10.78 -5.78
N LEU A 166 4.95 10.54 -5.23
CA LEU A 166 3.75 11.29 -5.56
C LEU A 166 3.31 12.03 -4.29
N CYS A 167 2.78 13.24 -4.48
CA CYS A 167 2.29 14.05 -3.36
C CYS A 167 0.77 13.88 -3.38
N VAL A 168 0.22 13.23 -2.35
CA VAL A 168 -1.21 12.95 -2.33
C VAL A 168 -2.03 13.50 -1.16
N GLY A 169 -3.11 14.19 -1.48
CA GLY A 169 -3.97 14.73 -0.44
C GLY A 169 -4.01 16.24 -0.29
N ASN A 170 -5.15 16.84 -0.59
CA ASN A 170 -5.34 18.28 -0.47
C ASN A 170 -5.13 18.69 1.00
N PRO A 171 -4.21 19.62 1.27
CA PRO A 171 -3.95 20.05 2.65
C PRO A 171 -5.14 20.75 3.30
N ARG A 172 -6.08 21.21 2.46
CA ARG A 172 -7.28 21.90 2.94
C ARG A 172 -8.31 20.92 3.49
N LYS A 173 -8.09 19.63 3.28
CA LYS A 173 -9.00 18.60 3.76
C LYS A 173 -8.30 17.73 4.79
N THR A 174 -9.07 16.91 5.51
CA THR A 174 -8.50 16.01 6.51
C THR A 174 -8.29 14.64 5.88
N LYS A 175 -9.01 14.36 4.80
CA LYS A 175 -8.90 13.06 4.12
C LYS A 175 -7.45 12.72 3.84
N SER A 176 -7.05 11.49 4.15
CA SER A 176 -5.67 11.07 3.91
C SER A 176 -5.40 9.64 4.31
N ALA A 177 -4.32 9.10 3.75
CA ALA A 177 -3.91 7.75 4.11
C ALA A 177 -3.18 8.04 5.42
N PHE A 178 -3.11 7.06 6.31
CA PHE A 178 -2.44 7.30 7.57
C PHE A 178 -1.71 6.05 8.06
N LYS A 179 -1.21 6.09 9.28
CA LYS A 179 -0.50 4.96 9.86
C LYS A 179 -1.34 3.70 9.71
N GLY A 180 -0.71 2.64 9.24
CA GLY A 180 -1.41 1.38 9.06
C GLY A 180 -1.82 1.16 7.61
N ASP A 181 -1.83 2.24 6.83
CA ASP A 181 -2.20 2.17 5.42
C ASP A 181 -1.00 1.94 4.50
N SER A 182 0.21 2.00 5.06
CA SER A 182 1.42 1.78 4.28
C SER A 182 1.36 0.52 3.42
N GLY A 183 1.88 0.60 2.20
CA GLY A 183 1.86 -0.56 1.32
C GLY A 183 0.63 -0.61 0.42
N GLY A 184 -0.42 0.11 0.80
CA GLY A 184 -1.63 0.12 0.00
C GLY A 184 -1.45 0.82 -1.33
N PRO A 185 -2.20 0.42 -2.36
CA PRO A 185 -2.12 1.02 -3.69
C PRO A 185 -2.93 2.30 -3.85
N LEU A 186 -2.41 3.21 -4.65
CA LEU A 186 -3.13 4.45 -4.95
C LEU A 186 -3.63 4.17 -6.36
N LEU A 187 -4.95 4.19 -6.53
CA LEU A 187 -5.52 3.93 -7.85
C LEU A 187 -6.08 5.19 -8.49
N CYS A 188 -5.67 5.43 -9.72
CA CYS A 188 -6.11 6.57 -10.51
C CYS A 188 -6.65 5.97 -11.80
N ALA A 189 -7.93 6.14 -12.05
CA ALA A 189 -8.54 5.59 -13.26
C ALA A 189 -8.49 4.05 -13.24
N GLY A 190 -8.41 3.48 -12.04
CA GLY A 190 -8.37 2.04 -11.93
C GLY A 190 -6.98 1.42 -11.97
N ALA A 191 -5.97 2.21 -12.31
CA ALA A 191 -4.60 1.69 -12.37
C ALA A 191 -3.79 2.10 -11.15
N ALA A 192 -2.97 1.19 -10.65
CA ALA A 192 -2.12 1.47 -9.49
C ALA A 192 -1.00 2.39 -9.90
N GLN A 193 -0.98 3.59 -9.32
CA GLN A 193 0.05 4.57 -9.65
C GLN A 193 1.06 4.78 -8.53
N GLY A 194 0.63 4.54 -7.30
CA GLY A 194 1.53 4.72 -6.18
C GLY A 194 1.30 3.73 -5.06
N ILE A 195 2.11 3.84 -4.02
CA ILE A 195 2.04 2.98 -2.85
C ILE A 195 2.18 3.88 -1.63
N VAL A 196 1.28 3.71 -0.66
CA VAL A 196 1.32 4.51 0.56
C VAL A 196 2.69 4.37 1.23
N SER A 197 3.35 5.49 1.51
CA SER A 197 4.67 5.43 2.14
C SER A 197 4.72 6.11 3.50
N TYR A 198 4.62 7.44 3.55
CA TYR A 198 4.67 8.14 4.82
C TYR A 198 4.03 9.53 4.77
N GLY A 199 4.08 10.22 5.91
CA GLY A 199 3.52 11.55 6.02
C GLY A 199 3.83 12.13 7.40
N ARG A 200 3.02 13.07 7.85
CA ARG A 200 3.20 13.70 9.15
C ARG A 200 2.51 12.90 10.25
N SER A 201 3.15 12.83 11.41
CA SER A 201 2.56 12.08 12.53
C SER A 201 1.27 12.74 13.00
N ASP A 202 1.10 14.03 12.70
CA ASP A 202 -0.12 14.73 13.11
C ASP A 202 -1.24 14.59 12.09
N ALA A 203 -1.00 13.77 11.07
CA ALA A 203 -1.97 13.48 10.02
C ALA A 203 -2.33 14.59 9.04
N LYS A 204 -1.68 15.73 9.12
CA LYS A 204 -1.99 16.82 8.19
C LYS A 204 -1.52 16.45 6.79
N PRO A 205 -2.47 16.29 5.85
CA PRO A 205 -2.05 15.95 4.48
C PRO A 205 -1.33 17.12 3.84
N PRO A 206 -0.70 16.89 2.68
CA PRO A 206 -0.62 15.64 1.93
C PRO A 206 0.34 14.60 2.49
N ALA A 207 0.26 13.39 1.93
CA ALA A 207 1.14 12.29 2.33
C ALA A 207 2.00 11.93 1.13
N VAL A 208 3.07 11.20 1.38
CA VAL A 208 4.01 10.78 0.34
C VAL A 208 3.79 9.34 -0.08
N PHE A 209 3.64 9.13 -1.38
CA PHE A 209 3.43 7.81 -1.95
C PHE A 209 4.58 7.46 -2.88
N THR A 210 4.95 6.18 -2.91
CA THR A 210 6.00 5.72 -3.80
C THR A 210 5.45 5.76 -5.22
N ARG A 211 6.20 6.35 -6.16
CA ARG A 211 5.75 6.41 -7.55
C ARG A 211 6.10 5.09 -8.25
N ILE A 212 5.08 4.27 -8.48
CA ILE A 212 5.26 2.96 -9.12
C ILE A 212 5.99 2.91 -10.46
N SER A 213 5.66 3.80 -11.39
CA SER A 213 6.28 3.81 -12.71
C SER A 213 7.81 3.72 -12.66
N HIS A 214 8.41 4.38 -11.68
CA HIS A 214 9.86 4.38 -11.54
C HIS A 214 10.45 3.01 -11.24
N TYR A 215 9.65 2.11 -10.69
CA TYR A 215 10.14 0.78 -10.33
C TYR A 215 9.74 -0.36 -11.23
N GLN A 216 9.13 -0.05 -12.37
CA GLN A 216 8.70 -1.09 -13.30
C GLN A 216 9.81 -2.08 -13.67
N PRO A 217 11.01 -1.56 -14.01
CA PRO A 217 12.09 -2.51 -14.35
C PRO A 217 12.54 -3.39 -13.18
N TRP A 218 12.59 -2.82 -11.99
CA TRP A 218 12.99 -3.59 -10.82
C TRP A 218 11.95 -4.66 -10.51
N ILE A 219 10.69 -4.29 -10.58
CA ILE A 219 9.59 -5.22 -10.32
C ILE A 219 9.62 -6.39 -11.29
N ASN A 220 9.76 -6.09 -12.58
CA ASN A 220 9.80 -7.14 -13.60
C ASN A 220 11.00 -8.07 -13.38
N GLN A 221 12.13 -7.51 -12.97
CA GLN A 221 13.31 -8.32 -12.73
C GLN A 221 13.06 -9.35 -11.64
N ILE A 222 12.54 -8.89 -10.52
CA ILE A 222 12.25 -9.76 -9.38
C ILE A 222 11.25 -10.85 -9.77
N LEU A 223 10.17 -10.45 -10.44
CA LEU A 223 9.13 -11.39 -10.86
C LEU A 223 9.66 -12.40 -11.87
N GLN A 224 10.67 -11.98 -12.64
CA GLN A 224 11.27 -12.83 -13.66
C GLN A 224 12.27 -13.83 -13.09
N ALA A 225 13.02 -13.40 -12.07
CA ALA A 225 14.02 -14.26 -11.45
C ALA A 225 13.47 -15.13 -10.32
N ASN A 226 12.15 -15.11 -10.15
CA ASN A 226 11.52 -15.89 -9.10
C ASN A 226 10.15 -16.38 -9.57
#